data_6YXH
#
_entry.id   6YXH
#
_cell.length_a   61.47
_cell.length_b   69.97
_cell.length_c   259.49
_cell.angle_alpha   90
_cell.angle_beta   90
_cell.angle_gamma   90
#
_symmetry.space_group_name_H-M   'C 2 2 21'
#
loop_
_entity.id
_entity.type
_entity.pdbx_description
1 polymer 'Alkaline ceramidase 3'
2 non-polymer 'ZINC ION'
3 non-polymer 'SULFATE ION'
4 non-polymer 'SODIUM ION'
5 non-polymer 'CALCIUM ION'
6 non-polymer 'MAGNESIUM ION'
7 water water
#
_entity_poly.entity_id   1
_entity_poly.type   'polypeptide(L)'
_entity_poly.pdbx_seq_one_letter_code
;FAPAADREGYWGPTTSTLDWCEENYSVTWYIAEFWNTVSNLIMIIPPMFGAVQSVRDGLEKRYIASYLALTVVGMGSWCF
HMTLKYEMQLLDELPMIYSCCIFVYCMFECFKIKNSVNYHLLFTLVLFSLIVTTVYLKVKEPIFHQVMYGMLVFTLVLRS
IYIVTWVYPWLRGLGYTSLGIFLLGFLFWNIDNIFCESLRNFRKKVPPIIGITTQFHAWWHILTGLGSYLHILFSLYTRT
LYLRADLEDNWETLNDNLKVIEKADNAAQVKDALTKMRAAALDAQKATPPKLEDKSPDSPEMKDFRHGFDILVGQIDDAL
KLANEGKVKEAQAAAEQLKTTRNAYIQKYL
;
_entity_poly.pdbx_strand_id   A
#
# COMPACT_ATOMS: atom_id res chain seq x y z
N PHE A 1 -38.62 -5.47 -28.00
CA PHE A 1 -39.31 -6.72 -28.33
C PHE A 1 -39.98 -7.35 -27.07
N ALA A 2 -40.82 -8.41 -27.25
CA ALA A 2 -41.47 -9.11 -26.15
C ALA A 2 -40.98 -10.58 -25.95
N PRO A 3 -39.69 -10.80 -25.59
CA PRO A 3 -39.16 -12.16 -25.48
C PRO A 3 -38.65 -12.53 -24.05
N ALA A 4 -38.04 -13.72 -23.91
CA ALA A 4 -37.52 -14.17 -22.63
C ALA A 4 -36.28 -13.36 -22.18
N ALA A 5 -36.32 -12.85 -20.94
CA ALA A 5 -35.21 -12.08 -20.40
C ALA A 5 -33.97 -12.98 -20.26
N ASP A 6 -32.79 -12.38 -20.24
CA ASP A 6 -31.54 -13.12 -20.13
C ASP A 6 -31.09 -13.36 -18.67
N ARG A 7 -31.75 -12.69 -17.70
CA ARG A 7 -31.52 -12.86 -16.28
C ARG A 7 -32.14 -14.21 -15.88
N GLU A 8 -31.36 -15.30 -15.85
CA GLU A 8 -31.89 -16.63 -15.51
C GLU A 8 -31.93 -16.92 -13.99
N GLY A 9 -32.29 -15.91 -13.21
CA GLY A 9 -32.38 -15.92 -11.74
C GLY A 9 -32.56 -17.26 -11.05
N TYR A 10 -31.83 -17.44 -9.94
CA TYR A 10 -31.77 -18.63 -9.09
C TYR A 10 -31.59 -18.18 -7.59
N TRP A 11 -31.25 -19.13 -6.67
CA TRP A 11 -30.92 -19.06 -5.25
C TRP A 11 -31.46 -17.85 -4.45
N GLY A 12 -32.75 -17.58 -4.60
CA GLY A 12 -33.40 -16.49 -3.89
C GLY A 12 -33.66 -15.26 -4.74
N PRO A 13 -34.72 -14.49 -4.41
CA PRO A 13 -34.99 -13.26 -5.16
C PRO A 13 -34.02 -12.13 -4.80
N THR A 14 -33.81 -11.21 -5.73
CA THR A 14 -32.89 -10.10 -5.52
C THR A 14 -33.51 -9.05 -4.60
N THR A 15 -33.00 -8.96 -3.37
CA THR A 15 -33.52 -7.98 -2.40
C THR A 15 -32.61 -6.75 -2.28
N SER A 16 -31.80 -6.43 -3.32
CA SER A 16 -30.93 -5.27 -3.27
C SER A 16 -31.55 -4.06 -3.96
N THR A 17 -31.14 -2.85 -3.57
CA THR A 17 -31.65 -1.61 -4.19
C THR A 17 -31.06 -1.38 -5.61
N LEU A 18 -30.03 -2.15 -6.03
CA LEU A 18 -29.48 -2.04 -7.37
C LEU A 18 -29.01 -3.39 -7.92
N ASP A 19 -29.16 -3.57 -9.24
CA ASP A 19 -28.77 -4.75 -10.01
C ASP A 19 -27.98 -4.24 -11.20
N TRP A 20 -26.83 -4.86 -11.46
CA TRP A 20 -25.95 -4.41 -12.54
C TRP A 20 -26.32 -5.03 -13.88
N CYS A 21 -25.82 -4.45 -15.00
CA CYS A 21 -26.16 -4.92 -16.34
C CYS A 21 -25.49 -6.26 -16.71
N GLU A 22 -25.18 -7.09 -15.73
CA GLU A 22 -24.69 -8.43 -16.01
C GLU A 22 -25.85 -9.39 -15.74
N GLU A 23 -26.13 -10.26 -16.71
CA GLU A 23 -27.22 -11.25 -16.69
C GLU A 23 -27.14 -12.10 -15.43
N ASN A 24 -28.20 -12.04 -14.58
CA ASN A 24 -28.27 -12.72 -13.29
C ASN A 24 -28.21 -14.20 -13.45
N TYR A 25 -27.33 -14.86 -12.69
CA TYR A 25 -27.07 -16.31 -12.72
C TYR A 25 -27.05 -16.88 -14.15
N SER A 26 -26.24 -16.29 -15.02
CA SER A 26 -26.12 -16.64 -16.44
C SER A 26 -25.01 -17.66 -16.73
N VAL A 27 -23.93 -17.65 -15.95
CA VAL A 27 -22.80 -18.55 -16.14
C VAL A 27 -23.05 -19.79 -15.29
N THR A 28 -23.40 -19.58 -14.00
CA THR A 28 -23.65 -20.64 -13.05
C THR A 28 -24.83 -20.36 -12.11
N TRP A 29 -25.48 -21.46 -11.64
CA TRP A 29 -26.58 -21.43 -10.66
C TRP A 29 -26.11 -20.91 -9.29
N TYR A 30 -24.80 -20.98 -9.00
CA TYR A 30 -24.22 -20.56 -7.73
C TYR A 30 -24.22 -19.03 -7.51
N ILE A 31 -23.73 -18.23 -8.49
CA ILE A 31 -23.62 -16.78 -8.29
C ILE A 31 -24.34 -15.92 -9.35
N ALA A 32 -24.95 -14.81 -8.91
CA ALA A 32 -25.60 -13.83 -9.79
C ALA A 32 -24.47 -12.94 -10.28
N GLU A 33 -24.38 -12.58 -11.58
CA GLU A 33 -23.24 -11.74 -12.05
C GLU A 33 -21.90 -12.42 -11.74
N PHE A 34 -21.42 -13.29 -12.63
CA PHE A 34 -20.20 -14.08 -12.45
C PHE A 34 -18.92 -13.26 -12.47
N TRP A 35 -18.67 -12.46 -13.53
CA TRP A 35 -17.46 -11.65 -13.63
C TRP A 35 -17.45 -10.55 -12.59
N ASN A 36 -18.62 -9.99 -12.24
CA ASN A 36 -18.70 -9.01 -11.16
C ASN A 36 -18.36 -9.65 -9.78
N THR A 37 -18.32 -10.99 -9.69
CA THR A 37 -17.97 -11.71 -8.46
C THR A 37 -16.49 -12.15 -8.49
N VAL A 38 -16.07 -12.93 -9.53
CA VAL A 38 -14.69 -13.42 -9.64
C VAL A 38 -13.65 -12.27 -9.89
N SER A 39 -14.07 -11.14 -10.48
CA SER A 39 -13.17 -10.01 -10.70
C SER A 39 -12.80 -9.27 -9.40
N ASN A 40 -13.37 -9.66 -8.25
CA ASN A 40 -13.03 -9.06 -6.98
C ASN A 40 -11.78 -9.67 -6.32
N LEU A 41 -11.20 -10.75 -6.90
CA LEU A 41 -10.02 -11.44 -6.33
C LEU A 41 -8.80 -10.54 -6.25
N ILE A 42 -8.60 -9.65 -7.24
CA ILE A 42 -7.46 -8.74 -7.21
C ILE A 42 -7.67 -7.56 -6.19
N MET A 43 -8.65 -7.70 -5.30
CA MET A 43 -8.97 -6.80 -4.20
C MET A 43 -9.13 -7.59 -2.88
N ILE A 44 -8.92 -8.92 -2.92
CA ILE A 44 -8.99 -9.79 -1.78
C ILE A 44 -7.59 -10.35 -1.59
N ILE A 45 -7.00 -10.92 -2.66
CA ILE A 45 -5.67 -11.52 -2.58
C ILE A 45 -4.54 -10.46 -2.47
N PRO A 46 -4.30 -9.50 -3.42
CA PRO A 46 -3.20 -8.54 -3.23
C PRO A 46 -3.23 -7.77 -1.90
N PRO A 47 -4.35 -7.18 -1.42
CA PRO A 47 -4.29 -6.49 -0.12
C PRO A 47 -4.06 -7.39 1.09
N MET A 48 -4.30 -8.71 0.96
CA MET A 48 -4.04 -9.63 2.05
C MET A 48 -2.54 -9.94 2.15
N PHE A 49 -1.84 -9.98 1.00
CA PHE A 49 -0.39 -10.15 0.91
C PHE A 49 0.37 -8.91 1.41
N GLY A 50 -0.24 -7.72 1.26
CA GLY A 50 0.29 -6.46 1.74
C GLY A 50 0.13 -6.33 3.25
N ALA A 51 -1.02 -6.76 3.78
CA ALA A 51 -1.25 -6.69 5.23
C ALA A 51 -0.30 -7.62 6.00
N VAL A 52 0.03 -8.80 5.42
CA VAL A 52 0.92 -9.74 6.09
C VAL A 52 2.38 -9.29 5.97
N GLN A 53 2.79 -8.70 4.82
CA GLN A 53 4.15 -8.17 4.69
C GLN A 53 4.29 -6.97 5.67
N SER A 54 3.28 -6.11 5.74
CA SER A 54 3.26 -4.98 6.66
C SER A 54 3.39 -5.38 8.14
N VAL A 55 2.80 -6.51 8.56
CA VAL A 55 2.95 -6.97 9.94
C VAL A 55 4.37 -7.55 10.14
N ARG A 56 4.87 -8.32 9.16
CA ARG A 56 6.18 -8.95 9.26
C ARG A 56 7.26 -7.88 9.35
N ASP A 57 7.21 -6.88 8.48
CA ASP A 57 8.13 -5.74 8.47
C ASP A 57 7.96 -4.78 9.66
N GLY A 58 7.02 -5.05 10.55
CA GLY A 58 6.75 -4.18 11.67
C GLY A 58 6.42 -2.75 11.28
N LEU A 59 5.40 -2.54 10.41
CA LEU A 59 4.99 -1.20 9.99
C LEU A 59 3.93 -0.66 10.95
N GLU A 60 3.58 0.64 10.82
CA GLU A 60 2.58 1.28 11.66
C GLU A 60 1.21 0.72 11.38
N LYS A 61 0.46 0.38 12.46
CA LYS A 61 -0.88 -0.18 12.49
C LYS A 61 -1.83 0.34 11.42
N ARG A 62 -1.86 1.68 11.22
CA ARG A 62 -2.70 2.35 10.25
C ARG A 62 -2.44 1.86 8.83
N TYR A 63 -1.21 1.45 8.48
CA TYR A 63 -0.95 0.91 7.14
C TYR A 63 -1.36 -0.58 7.04
N ILE A 64 -1.49 -1.29 8.18
CA ILE A 64 -1.94 -2.68 8.18
C ILE A 64 -3.48 -2.68 7.98
N ALA A 65 -4.17 -1.80 8.76
CA ALA A 65 -5.60 -1.56 8.71
C ALA A 65 -5.99 -1.12 7.29
N SER A 66 -5.20 -0.30 6.63
CA SER A 66 -5.47 0.15 5.27
C SER A 66 -5.60 -1.02 4.29
N TYR A 67 -4.67 -1.95 4.35
CA TYR A 67 -4.65 -3.17 3.53
C TYR A 67 -5.78 -4.15 3.88
N LEU A 68 -6.13 -4.24 5.17
CA LEU A 68 -7.20 -5.10 5.65
C LEU A 68 -8.56 -4.55 5.26
N ALA A 69 -8.72 -3.22 5.35
CA ALA A 69 -9.94 -2.53 4.97
C ALA A 69 -10.24 -2.78 3.48
N LEU A 70 -9.23 -2.66 2.61
CA LEU A 70 -9.38 -2.95 1.18
C LEU A 70 -9.75 -4.45 0.94
N THR A 71 -9.37 -5.37 1.84
CA THR A 71 -9.71 -6.78 1.70
C THR A 71 -11.16 -6.97 2.10
N VAL A 72 -11.60 -6.31 3.20
CA VAL A 72 -12.97 -6.30 3.71
C VAL A 72 -13.91 -5.81 2.60
N VAL A 73 -13.52 -4.73 1.91
CA VAL A 73 -14.28 -4.18 0.78
C VAL A 73 -14.37 -5.22 -0.33
N GLY A 74 -13.26 -5.90 -0.62
CA GLY A 74 -13.19 -6.93 -1.64
C GLY A 74 -14.13 -8.09 -1.39
N MET A 75 -14.19 -8.58 -0.15
CA MET A 75 -15.06 -9.70 0.23
C MET A 75 -16.54 -9.31 0.24
N GLY A 76 -16.81 -8.06 0.62
CA GLY A 76 -18.16 -7.53 0.63
C GLY A 76 -18.73 -7.42 -0.76
N SER A 77 -17.88 -7.04 -1.73
CA SER A 77 -18.24 -6.90 -3.14
C SER A 77 -18.51 -8.27 -3.74
N TRP A 78 -17.63 -9.24 -3.44
CA TRP A 78 -17.75 -10.62 -3.88
C TRP A 78 -19.06 -11.24 -3.37
N CYS A 79 -19.48 -10.87 -2.15
CA CYS A 79 -20.72 -11.35 -1.56
C CYS A 79 -21.95 -10.64 -2.08
N PHE A 80 -21.88 -9.33 -2.33
CA PHE A 80 -23.01 -8.57 -2.88
C PHE A 80 -23.27 -9.05 -4.32
N HIS A 81 -22.20 -9.21 -5.10
CA HIS A 81 -22.32 -9.66 -6.48
C HIS A 81 -22.62 -11.16 -6.63
N MET A 82 -22.71 -11.92 -5.54
CA MET A 82 -23.01 -13.35 -5.61
C MET A 82 -24.49 -13.60 -5.28
N THR A 83 -24.98 -12.90 -4.24
CA THR A 83 -26.34 -13.05 -3.75
C THR A 83 -27.30 -11.98 -4.29
N LEU A 84 -26.89 -10.72 -4.25
CA LEU A 84 -27.71 -9.59 -4.66
C LEU A 84 -28.81 -9.25 -3.61
N LYS A 85 -28.63 -9.64 -2.34
CA LYS A 85 -29.55 -9.22 -1.27
C LYS A 85 -29.04 -7.89 -0.64
N TYR A 86 -29.92 -7.12 0.06
CA TYR A 86 -29.57 -5.84 0.69
C TYR A 86 -28.51 -5.96 1.78
N GLU A 87 -28.52 -7.08 2.48
CA GLU A 87 -27.58 -7.36 3.57
C GLU A 87 -26.17 -7.44 3.00
N MET A 88 -25.98 -8.16 1.88
CA MET A 88 -24.67 -8.25 1.24
C MET A 88 -24.32 -7.03 0.41
N GLN A 89 -25.30 -6.17 0.07
CA GLN A 89 -25.06 -4.92 -0.67
C GLN A 89 -24.34 -3.92 0.23
N LEU A 90 -24.84 -3.71 1.45
CA LEU A 90 -24.24 -2.81 2.42
C LEU A 90 -22.84 -3.30 2.83
N LEU A 91 -22.58 -4.62 2.80
CA LEU A 91 -21.25 -5.16 3.08
C LEU A 91 -20.24 -4.81 1.97
N ASP A 92 -20.68 -4.26 0.86
CA ASP A 92 -19.81 -3.81 -0.20
C ASP A 92 -19.68 -2.28 0.03
N GLU A 93 -20.82 -1.58 0.07
CA GLU A 93 -20.98 -0.14 0.18
C GLU A 93 -20.46 0.55 1.48
N LEU A 94 -20.88 0.10 2.68
CA LEU A 94 -20.47 0.75 3.92
C LEU A 94 -18.98 0.65 4.20
N PRO A 95 -18.31 -0.54 3.98
CA PRO A 95 -16.85 -0.59 4.17
C PRO A 95 -16.10 0.40 3.31
N MET A 96 -16.61 0.71 2.10
CA MET A 96 -16.00 1.67 1.18
C MET A 96 -15.84 3.04 1.81
N ILE A 97 -16.80 3.44 2.68
CA ILE A 97 -16.76 4.73 3.37
C ILE A 97 -15.70 4.70 4.45
N TYR A 98 -15.69 3.60 5.23
CA TYR A 98 -14.78 3.38 6.35
C TYR A 98 -13.33 3.23 5.91
N SER A 99 -13.07 2.41 4.90
CA SER A 99 -11.73 2.23 4.38
C SER A 99 -11.22 3.54 3.79
N CYS A 100 -12.09 4.33 3.15
CA CYS A 100 -11.68 5.63 2.64
C CYS A 100 -11.38 6.63 3.78
N CYS A 101 -12.00 6.44 4.94
CA CYS A 101 -11.75 7.27 6.11
C CYS A 101 -10.40 6.89 6.73
N ILE A 102 -10.03 5.59 6.70
CA ILE A 102 -8.72 5.12 7.16
C ILE A 102 -7.64 5.75 6.27
N PHE A 103 -7.85 5.74 4.94
CA PHE A 103 -6.95 6.36 3.97
C PHE A 103 -6.72 7.86 4.19
N VAL A 104 -7.78 8.61 4.55
CA VAL A 104 -7.70 10.05 4.83
C VAL A 104 -6.93 10.31 6.13
N TYR A 105 -7.02 9.38 7.09
CA TYR A 105 -6.26 9.51 8.33
C TYR A 105 -4.75 9.33 8.03
N CYS A 106 -4.41 8.36 7.20
CA CYS A 106 -3.04 8.12 6.82
C CYS A 106 -2.46 9.22 5.99
N MET A 107 -3.18 9.67 4.97
CA MET A 107 -2.67 10.73 4.11
C MET A 107 -2.46 12.04 4.79
N PHE A 108 -3.33 12.37 5.73
CA PHE A 108 -3.21 13.64 6.44
C PHE A 108 -2.26 13.55 7.64
N GLU A 109 -1.93 12.34 8.12
CA GLU A 109 -1.03 12.19 9.26
C GLU A 109 0.40 11.77 8.91
N CYS A 110 0.75 11.65 7.63
CA CYS A 110 2.01 11.18 7.05
C CYS A 110 3.29 11.96 7.50
N PHE A 111 3.16 13.19 7.99
CA PHE A 111 4.32 13.96 8.42
C PHE A 111 4.29 14.26 9.91
N LYS A 112 3.66 13.40 10.68
CA LYS A 112 3.51 13.57 12.11
C LYS A 112 4.54 12.76 12.83
N ILE A 113 4.80 13.11 14.08
CA ILE A 113 5.75 12.37 14.90
C ILE A 113 5.24 10.88 15.05
N LYS A 114 6.18 9.94 15.19
CA LYS A 114 5.81 8.55 15.41
C LYS A 114 5.21 8.42 16.80
N ASN A 115 4.20 7.57 16.94
CA ASN A 115 3.48 7.28 18.18
C ASN A 115 2.65 8.42 18.70
N SER A 116 2.13 9.24 17.79
CA SER A 116 1.18 10.29 18.10
C SER A 116 -0.18 9.96 17.44
N VAL A 117 -1.26 10.53 17.99
CA VAL A 117 -2.61 10.33 17.50
C VAL A 117 -3.26 11.71 17.39
N ASN A 118 -4.00 11.90 16.31
CA ASN A 118 -4.78 13.11 16.08
C ASN A 118 -6.20 12.77 16.46
N TYR A 119 -6.59 13.09 17.70
CA TYR A 119 -7.96 12.79 18.15
C TYR A 119 -9.00 13.67 17.53
N HIS A 120 -8.59 14.83 17.04
CA HIS A 120 -9.45 15.71 16.31
C HIS A 120 -9.87 15.04 14.99
N LEU A 121 -8.94 14.78 14.08
CA LEU A 121 -9.24 14.13 12.81
C LEU A 121 -9.93 12.78 12.99
N LEU A 122 -9.49 11.99 13.98
CA LEU A 122 -10.06 10.68 14.27
C LEU A 122 -11.57 10.72 14.62
N PHE A 123 -11.98 11.62 15.54
CA PHE A 123 -13.38 11.73 15.90
C PHE A 123 -14.19 12.38 14.77
N THR A 124 -13.58 13.23 13.96
CA THR A 124 -14.22 13.83 12.81
C THR A 124 -14.57 12.78 11.75
N LEU A 125 -13.63 11.86 11.43
CA LEU A 125 -13.85 10.80 10.45
C LEU A 125 -14.87 9.77 10.96
N VAL A 126 -14.82 9.46 12.27
CA VAL A 126 -15.75 8.53 12.93
C VAL A 126 -17.18 9.11 12.88
N LEU A 127 -17.30 10.42 13.15
CA LEU A 127 -18.58 11.14 13.08
C LEU A 127 -19.11 11.16 11.63
N PHE A 128 -18.26 11.49 10.64
CA PHE A 128 -18.65 11.50 9.23
C PHE A 128 -19.18 10.14 8.77
N SER A 129 -18.49 9.04 9.10
CA SER A 129 -18.94 7.71 8.71
C SER A 129 -20.16 7.24 9.49
N LEU A 130 -20.37 7.76 10.71
CA LEU A 130 -21.53 7.39 11.51
C LEU A 130 -22.75 8.15 10.99
N ILE A 131 -22.60 9.44 10.68
CA ILE A 131 -23.68 10.24 10.10
C ILE A 131 -24.04 9.64 8.74
N VAL A 132 -23.07 9.49 7.82
CA VAL A 132 -23.30 8.88 6.51
C VAL A 132 -24.00 7.50 6.63
N THR A 133 -23.58 6.63 7.56
CA THR A 133 -24.23 5.33 7.75
C THR A 133 -25.70 5.48 8.17
N THR A 134 -25.96 6.34 9.19
CA THR A 134 -27.31 6.56 9.71
C THR A 134 -28.26 7.05 8.63
N VAL A 135 -27.91 8.13 7.90
CA VAL A 135 -28.81 8.61 6.86
C VAL A 135 -28.89 7.57 5.71
N TYR A 136 -27.79 6.92 5.31
CA TYR A 136 -27.84 5.91 4.25
C TYR A 136 -28.85 4.79 4.51
N LEU A 137 -28.90 4.28 5.75
CA LEU A 137 -29.85 3.22 6.10
C LEU A 137 -31.29 3.74 6.17
N LYS A 138 -31.49 4.95 6.74
CA LYS A 138 -32.81 5.57 6.87
C LYS A 138 -33.41 5.80 5.47
N VAL A 139 -32.90 6.79 4.72
CA VAL A 139 -33.35 7.00 3.35
C VAL A 139 -32.44 6.11 2.51
N LYS A 140 -32.99 5.06 1.90
CA LYS A 140 -32.16 4.08 1.17
C LYS A 140 -31.75 4.49 -0.27
N GLU A 141 -31.23 5.73 -0.47
CA GLU A 141 -30.81 6.18 -1.80
C GLU A 141 -29.34 5.92 -2.07
N PRO A 142 -29.04 5.06 -3.06
CA PRO A 142 -27.63 4.72 -3.34
C PRO A 142 -26.78 5.85 -3.92
N ILE A 143 -27.39 6.91 -4.49
CA ILE A 143 -26.64 8.05 -5.03
C ILE A 143 -26.03 8.90 -3.87
N PHE A 144 -26.68 8.89 -2.68
CA PHE A 144 -26.19 9.56 -1.46
C PHE A 144 -24.89 8.88 -1.03
N HIS A 145 -24.85 7.54 -1.08
CA HIS A 145 -23.66 6.76 -0.76
C HIS A 145 -22.56 7.12 -1.77
N GLN A 146 -22.89 7.17 -3.07
CA GLN A 146 -21.96 7.48 -4.14
C GLN A 146 -21.38 8.89 -4.06
N VAL A 147 -22.17 9.88 -3.62
CA VAL A 147 -21.69 11.25 -3.47
C VAL A 147 -20.84 11.40 -2.20
N MET A 148 -21.14 10.61 -1.15
CA MET A 148 -20.38 10.68 0.10
C MET A 148 -19.05 10.00 -0.01
N TYR A 149 -19.03 8.83 -0.67
CA TYR A 149 -17.82 8.06 -0.95
C TYR A 149 -16.91 8.91 -1.85
N GLY A 150 -17.51 9.49 -2.91
CA GLY A 150 -16.85 10.35 -3.88
C GLY A 150 -16.30 11.66 -3.33
N MET A 151 -16.77 12.13 -2.15
CA MET A 151 -16.22 13.37 -1.57
C MET A 151 -14.93 13.07 -0.73
N LEU A 152 -14.83 11.84 -0.14
CA LEU A 152 -13.63 11.41 0.58
C LEU A 152 -12.56 11.14 -0.46
N VAL A 153 -12.88 10.41 -1.56
CA VAL A 153 -11.97 10.16 -2.69
C VAL A 153 -11.44 11.48 -3.23
N PHE A 154 -12.28 12.54 -3.23
CA PHE A 154 -11.90 13.86 -3.69
C PHE A 154 -10.84 14.51 -2.79
N THR A 155 -11.05 14.53 -1.47
CA THR A 155 -10.06 15.11 -0.53
C THR A 155 -8.74 14.31 -0.54
N LEU A 156 -8.85 13.00 -0.67
CA LEU A 156 -7.73 12.10 -0.78
C LEU A 156 -6.94 12.42 -2.06
N VAL A 157 -7.61 12.83 -3.14
CA VAL A 157 -6.95 13.20 -4.39
C VAL A 157 -6.22 14.55 -4.26
N LEU A 158 -6.83 15.51 -3.58
CA LEU A 158 -6.22 16.82 -3.39
C LEU A 158 -5.01 16.77 -2.46
N ARG A 159 -5.07 15.95 -1.41
CA ARG A 159 -3.98 15.75 -0.45
C ARG A 159 -2.82 15.04 -1.13
N SER A 160 -3.12 14.07 -2.00
CA SER A 160 -2.08 13.39 -2.77
C SER A 160 -1.51 14.33 -3.81
N ILE A 161 -2.28 15.28 -4.33
CA ILE A 161 -1.76 16.25 -5.29
C ILE A 161 -0.85 17.27 -4.58
N TYR A 162 -1.21 17.70 -3.36
CA TYR A 162 -0.37 18.62 -2.57
C TYR A 162 1.03 17.99 -2.37
N ILE A 163 1.07 16.71 -1.96
CA ILE A 163 2.28 15.99 -1.68
C ILE A 163 3.17 15.86 -2.91
N VAL A 164 2.67 15.29 -4.01
CA VAL A 164 3.48 15.14 -5.20
C VAL A 164 3.99 16.51 -5.78
N THR A 165 3.31 17.62 -5.45
CA THR A 165 3.65 18.93 -6.02
C THR A 165 4.62 19.74 -5.15
N TRP A 166 4.38 19.73 -3.87
CA TRP A 166 5.15 20.52 -2.94
C TRP A 166 6.19 19.78 -2.17
N VAL A 167 5.90 18.52 -1.80
CA VAL A 167 6.77 17.76 -0.94
C VAL A 167 7.63 16.73 -1.68
N TYR A 168 7.01 15.73 -2.34
CA TYR A 168 7.74 14.62 -2.99
C TYR A 168 7.51 14.46 -4.49
N PRO A 169 8.15 15.30 -5.34
CA PRO A 169 8.03 15.12 -6.80
C PRO A 169 8.26 13.68 -7.30
N TRP A 170 9.12 12.90 -6.65
CA TRP A 170 9.45 11.51 -7.04
C TRP A 170 8.23 10.56 -7.15
N LEU A 171 7.23 10.76 -6.29
CA LEU A 171 6.00 9.95 -6.24
C LEU A 171 4.96 10.30 -7.29
N ARG A 172 5.30 11.18 -8.25
CA ARG A 172 4.49 11.65 -9.35
C ARG A 172 4.03 10.53 -10.23
N GLY A 173 4.93 9.65 -10.62
CA GLY A 173 4.59 8.52 -11.46
C GLY A 173 3.57 7.60 -10.84
N LEU A 174 3.74 7.28 -9.54
CA LEU A 174 2.85 6.41 -8.77
C LEU A 174 1.51 7.13 -8.44
N GLY A 175 1.56 8.34 -7.92
CA GLY A 175 0.39 9.14 -7.56
C GLY A 175 -0.54 9.35 -8.72
N TYR A 176 0.00 9.73 -9.88
CA TYR A 176 -0.83 9.95 -11.07
C TYR A 176 -1.23 8.65 -11.78
N THR A 177 -0.49 7.54 -11.59
CA THR A 177 -0.89 6.24 -12.18
C THR A 177 -2.09 5.69 -11.39
N SER A 178 -2.05 5.83 -10.05
CA SER A 178 -3.10 5.44 -9.13
C SER A 178 -4.42 6.16 -9.54
N LEU A 179 -4.31 7.46 -9.84
CA LEU A 179 -5.42 8.32 -10.21
C LEU A 179 -5.93 8.08 -11.63
N GLY A 180 -5.02 7.87 -12.57
CA GLY A 180 -5.38 7.63 -13.96
C GLY A 180 -6.20 6.37 -14.13
N ILE A 181 -5.75 5.25 -13.51
CA ILE A 181 -6.46 3.97 -13.61
C ILE A 181 -7.77 3.95 -12.77
N PHE A 182 -7.87 4.79 -11.74
CA PHE A 182 -9.09 4.87 -10.96
C PHE A 182 -10.17 5.64 -11.77
N LEU A 183 -9.77 6.71 -12.47
CA LEU A 183 -10.72 7.47 -13.28
C LEU A 183 -11.05 6.76 -14.59
N LEU A 184 -10.16 5.88 -15.09
CA LEU A 184 -10.44 5.01 -16.24
C LEU A 184 -11.51 4.00 -15.77
N GLY A 185 -11.32 3.42 -14.57
CA GLY A 185 -12.27 2.50 -13.95
C GLY A 185 -13.62 3.13 -13.76
N PHE A 186 -13.67 4.41 -13.34
CA PHE A 186 -14.92 5.15 -13.14
C PHE A 186 -15.65 5.49 -14.46
N LEU A 187 -14.89 5.59 -15.56
CA LEU A 187 -15.45 5.78 -16.90
C LEU A 187 -16.14 4.46 -17.28
N PHE A 188 -15.46 3.30 -17.05
CA PHE A 188 -16.03 1.97 -17.32
C PHE A 188 -17.27 1.70 -16.44
N TRP A 189 -17.34 2.28 -15.23
CA TRP A 189 -18.48 2.14 -14.32
C TRP A 189 -19.74 2.76 -14.95
N ASN A 190 -19.56 3.94 -15.58
CA ASN A 190 -20.62 4.68 -16.28
C ASN A 190 -20.94 4.09 -17.66
N ILE A 191 -20.01 3.34 -18.26
CA ILE A 191 -20.25 2.67 -19.54
C ILE A 191 -21.19 1.47 -19.33
N ASP A 192 -20.91 0.62 -18.33
CA ASP A 192 -21.78 -0.52 -18.04
C ASP A 192 -23.19 -0.06 -17.57
N ASN A 193 -23.27 1.15 -16.99
CA ASN A 193 -24.52 1.72 -16.49
C ASN A 193 -25.35 2.38 -17.56
N ILE A 194 -24.75 3.26 -18.38
CA ILE A 194 -25.47 4.02 -19.39
C ILE A 194 -25.64 3.21 -20.68
N PHE A 195 -24.57 2.57 -21.17
CA PHE A 195 -24.66 1.77 -22.38
C PHE A 195 -25.20 0.35 -22.13
N CYS A 196 -26.41 0.27 -21.56
CA CYS A 196 -27.11 -0.96 -21.23
C CYS A 196 -27.62 -1.73 -22.45
N GLU A 197 -26.71 -2.45 -23.12
CA GLU A 197 -27.05 -3.25 -24.29
C GLU A 197 -26.16 -4.52 -24.37
N SER A 198 -26.81 -5.69 -24.19
CA SER A 198 -26.17 -7.00 -24.22
C SER A 198 -26.03 -7.49 -25.68
N LEU A 199 -25.70 -6.56 -26.59
CA LEU A 199 -25.56 -6.83 -28.02
C LEU A 199 -24.29 -7.58 -28.40
N ARG A 200 -23.11 -7.07 -28.02
CA ARG A 200 -21.82 -7.69 -28.37
C ARG A 200 -21.67 -9.14 -27.86
N ASN A 201 -22.16 -9.41 -26.62
CA ASN A 201 -22.09 -10.76 -26.05
C ASN A 201 -23.05 -11.66 -26.85
N PHE A 202 -24.29 -11.19 -27.06
CA PHE A 202 -25.33 -11.92 -27.78
C PHE A 202 -24.99 -12.17 -29.25
N ARG A 203 -24.20 -11.28 -29.85
CA ARG A 203 -23.81 -11.40 -31.25
C ARG A 203 -22.79 -12.53 -31.52
N LYS A 204 -21.50 -12.36 -31.16
CA LYS A 204 -20.51 -13.39 -31.45
C LYS A 204 -19.55 -13.71 -30.32
N LYS A 205 -19.12 -14.99 -30.29
CA LYS A 205 -18.20 -15.64 -29.37
C LYS A 205 -18.27 -15.11 -27.95
N VAL A 206 -19.13 -15.73 -27.14
CA VAL A 206 -19.27 -15.33 -25.74
C VAL A 206 -18.21 -16.03 -24.84
N PRO A 207 -17.88 -17.35 -25.03
CA PRO A 207 -16.85 -17.98 -24.17
C PRO A 207 -15.48 -17.26 -24.07
N PRO A 208 -14.81 -16.79 -25.16
CA PRO A 208 -13.54 -16.07 -24.94
C PRO A 208 -13.81 -14.63 -24.49
N ILE A 209 -12.73 -13.86 -24.29
CA ILE A 209 -12.82 -12.46 -23.88
C ILE A 209 -13.62 -11.59 -24.87
N ILE A 210 -14.09 -12.13 -26.01
CA ILE A 210 -14.90 -11.35 -26.95
C ILE A 210 -16.20 -10.88 -26.28
N GLY A 211 -16.82 -11.77 -25.51
CA GLY A 211 -18.01 -11.43 -24.75
C GLY A 211 -17.68 -10.91 -23.37
N ILE A 212 -16.74 -11.58 -22.68
CA ILE A 212 -16.34 -11.29 -21.31
C ILE A 212 -15.69 -9.88 -21.11
N THR A 213 -15.01 -9.31 -22.13
CA THR A 213 -14.40 -7.97 -22.00
C THR A 213 -15.40 -6.82 -21.98
N THR A 214 -16.66 -7.08 -22.36
CA THR A 214 -17.70 -6.05 -22.32
C THR A 214 -18.44 -6.01 -20.94
N GLN A 215 -17.87 -6.66 -19.90
CA GLN A 215 -18.42 -6.62 -18.55
C GLN A 215 -17.68 -5.47 -17.93
N PHE A 216 -18.19 -4.25 -18.13
CA PHE A 216 -17.49 -3.05 -17.67
C PHE A 216 -17.55 -2.82 -16.13
N HIS A 217 -18.53 -3.40 -15.40
CA HIS A 217 -18.52 -3.30 -13.92
C HIS A 217 -17.46 -4.26 -13.34
N ALA A 218 -17.09 -5.33 -14.08
CA ALA A 218 -16.03 -6.26 -13.72
C ALA A 218 -14.67 -5.53 -13.89
N TRP A 219 -14.54 -4.76 -14.99
CA TRP A 219 -13.36 -3.95 -15.25
C TRP A 219 -13.16 -2.91 -14.16
N TRP A 220 -14.27 -2.31 -13.70
CA TRP A 220 -14.25 -1.34 -12.62
C TRP A 220 -13.69 -1.96 -11.32
N HIS A 221 -13.98 -3.25 -11.04
CA HIS A 221 -13.43 -3.90 -9.84
C HIS A 221 -11.90 -4.06 -10.00
N ILE A 222 -11.45 -4.45 -11.21
CA ILE A 222 -10.03 -4.61 -11.55
C ILE A 222 -9.28 -3.27 -11.33
N LEU A 223 -9.70 -2.22 -12.06
CA LEU A 223 -9.09 -0.90 -12.05
C LEU A 223 -9.14 -0.19 -10.72
N THR A 224 -10.26 -0.28 -10.00
CA THR A 224 -10.33 0.35 -8.69
C THR A 224 -9.64 -0.47 -7.62
N GLY A 225 -9.52 -1.78 -7.81
CA GLY A 225 -8.81 -2.62 -6.86
C GLY A 225 -7.30 -2.45 -6.94
N LEU A 226 -6.83 -2.19 -8.17
CA LEU A 226 -5.46 -1.94 -8.59
C LEU A 226 -5.08 -0.49 -8.29
N GLY A 227 -6.02 0.44 -8.44
CA GLY A 227 -5.82 1.84 -8.13
C GLY A 227 -5.83 2.07 -6.64
N SER A 228 -6.65 1.32 -5.90
CA SER A 228 -6.67 1.44 -4.43
C SER A 228 -5.45 0.75 -3.82
N TYR A 229 -4.92 -0.29 -4.46
CA TYR A 229 -3.69 -0.93 -4.01
C TYR A 229 -2.52 0.09 -4.15
N LEU A 230 -2.41 0.73 -5.34
CA LEU A 230 -1.41 1.74 -5.66
C LEU A 230 -1.51 2.98 -4.76
N HIS A 231 -2.72 3.30 -4.27
CA HIS A 231 -2.85 4.45 -3.35
C HIS A 231 -2.26 4.11 -2.00
N ILE A 232 -2.36 2.84 -1.55
CA ILE A 232 -1.80 2.43 -0.27
C ILE A 232 -0.28 2.45 -0.36
N LEU A 233 0.28 2.00 -1.52
CA LEU A 233 1.72 2.01 -1.78
C LEU A 233 2.22 3.44 -1.71
N PHE A 234 1.51 4.37 -2.37
CA PHE A 234 1.83 5.77 -2.41
C PHE A 234 1.87 6.34 -1.03
N SER A 235 0.84 6.05 -0.22
CA SER A 235 0.70 6.55 1.14
C SER A 235 1.82 6.08 2.04
N LEU A 236 2.17 4.80 1.92
CA LEU A 236 3.19 4.13 2.69
C LEU A 236 4.59 4.60 2.30
N TYR A 237 4.81 4.95 1.03
CA TYR A 237 6.05 5.53 0.52
C TYR A 237 6.26 6.99 1.01
N THR A 238 5.19 7.78 1.15
CA THR A 238 5.23 9.14 1.69
C THR A 238 5.72 9.10 3.13
N ARG A 239 5.25 8.11 3.91
CA ARG A 239 5.66 7.89 5.30
C ARG A 239 7.06 7.33 5.39
N THR A 240 7.44 6.43 4.46
CA THR A 240 8.78 5.87 4.46
C THR A 240 9.78 6.97 4.18
N LEU A 241 9.60 7.84 3.15
CA LEU A 241 10.53 8.94 2.84
C LEU A 241 10.71 9.97 3.98
N TYR A 242 9.61 10.29 4.65
CA TYR A 242 9.60 11.20 5.77
C TYR A 242 10.40 10.64 6.94
N LEU A 243 10.20 9.36 7.27
CA LEU A 243 10.85 8.75 8.44
C LEU A 243 12.29 8.28 8.24
N ARG A 244 12.75 8.31 7.01
CA ARG A 244 14.04 7.91 6.52
C ARG A 244 15.21 8.67 7.16
N ALA A 245 16.29 7.94 7.49
CA ALA A 245 17.53 8.49 8.07
C ALA A 245 18.47 9.15 7.04
N ASP A 246 19.33 10.06 7.50
CA ASP A 246 20.30 10.72 6.65
C ASP A 246 21.74 10.35 7.05
N LEU A 247 22.79 10.97 6.46
CA LEU A 247 24.15 10.63 6.78
C LEU A 247 24.48 10.81 8.25
N GLU A 248 24.02 11.91 8.86
CA GLU A 248 24.25 12.18 10.27
C GLU A 248 23.67 11.11 11.18
N ASP A 249 22.50 10.56 10.79
CA ASP A 249 21.80 9.50 11.51
C ASP A 249 22.54 8.19 11.33
N ASN A 250 22.85 7.81 10.08
CA ASN A 250 23.60 6.59 9.79
C ASN A 250 25.01 6.56 10.39
N TRP A 251 25.72 7.70 10.42
CA TRP A 251 27.03 7.80 11.06
C TRP A 251 26.89 7.56 12.56
N GLU A 252 25.87 8.14 13.19
CA GLU A 252 25.65 7.92 14.62
C GLU A 252 25.35 6.41 14.99
N THR A 253 24.41 5.75 14.25
CA THR A 253 23.98 4.38 14.38
C THR A 253 25.17 3.44 14.24
N LEU A 254 25.99 3.66 13.18
CA LEU A 254 27.14 2.84 12.86
C LEU A 254 28.13 2.83 14.06
N ASN A 255 28.40 4.01 14.62
CA ASN A 255 29.30 4.18 15.77
C ASN A 255 28.70 3.76 17.11
N ASP A 256 27.40 3.93 17.30
CA ASP A 256 26.73 3.46 18.51
C ASP A 256 26.86 1.93 18.59
N ASN A 257 26.53 1.25 17.51
CA ASN A 257 26.61 -0.20 17.42
C ASN A 257 28.05 -0.72 17.46
N LEU A 258 29.03 0.05 17.01
CA LEU A 258 30.44 -0.36 17.13
C LEU A 258 30.82 -0.40 18.62
N LYS A 259 30.28 0.48 19.48
CA LYS A 259 30.55 0.47 20.92
C LYS A 259 29.74 -0.60 21.64
N VAL A 260 28.56 -0.98 21.12
CA VAL A 260 27.74 -2.07 21.63
C VAL A 260 28.55 -3.34 21.46
N ILE A 261 29.10 -3.63 20.28
CA ILE A 261 29.95 -4.80 20.07
C ILE A 261 31.12 -4.86 21.03
N GLU A 262 31.85 -3.75 21.19
CA GLU A 262 33.03 -3.69 22.06
C GLU A 262 32.70 -4.10 23.48
N LYS A 263 31.60 -3.57 24.03
CA LYS A 263 31.13 -3.73 25.39
C LYS A 263 30.12 -4.89 25.57
N ALA A 264 29.78 -5.60 24.49
CA ALA A 264 28.80 -6.67 24.52
C ALA A 264 29.23 -7.83 25.41
N ASP A 265 28.25 -8.45 26.05
CA ASP A 265 28.43 -9.59 26.97
C ASP A 265 27.79 -10.89 26.47
N ASN A 266 27.05 -10.86 25.35
CA ASN A 266 26.38 -12.05 24.82
C ASN A 266 26.22 -11.98 23.33
N ALA A 267 26.19 -13.14 22.70
CA ALA A 267 26.02 -13.36 21.26
C ALA A 267 24.93 -12.57 20.57
N ALA A 268 23.81 -12.33 21.28
CA ALA A 268 22.67 -11.69 20.66
C ALA A 268 22.89 -10.19 20.42
N GLN A 269 23.65 -9.53 21.32
CA GLN A 269 23.99 -8.13 21.20
C GLN A 269 24.93 -7.97 20.04
N VAL A 270 26.01 -8.80 19.99
CA VAL A 270 26.99 -8.78 18.91
C VAL A 270 26.38 -8.97 17.57
N LYS A 271 25.53 -9.99 17.39
CA LYS A 271 24.90 -10.18 16.08
C LYS A 271 23.95 -9.03 15.67
N ASP A 272 23.27 -8.39 16.64
CA ASP A 272 22.32 -7.35 16.35
C ASP A 272 23.03 -6.04 15.95
N ALA A 273 24.10 -5.70 16.70
CA ALA A 273 24.91 -4.55 16.42
C ALA A 273 25.61 -4.69 15.06
N LEU A 274 26.05 -5.92 14.64
CA LEU A 274 26.69 -6.17 13.35
C LEU A 274 25.71 -5.97 12.19
N THR A 275 24.47 -6.48 12.33
CA THR A 275 23.35 -6.35 11.38
C THR A 275 22.89 -4.87 11.21
N LYS A 276 22.75 -4.12 12.33
CA LYS A 276 22.38 -2.71 12.31
C LYS A 276 23.50 -1.87 11.75
N MET A 277 24.74 -2.21 12.07
CA MET A 277 25.92 -1.52 11.56
C MET A 277 26.01 -1.73 10.07
N ARG A 278 25.71 -2.93 9.57
CA ARG A 278 25.79 -3.20 8.13
C ARG A 278 24.75 -2.39 7.33
N ALA A 279 23.55 -2.18 7.91
CA ALA A 279 22.52 -1.44 7.23
C ALA A 279 22.91 0.03 7.16
N ALA A 280 23.43 0.59 8.28
CA ALA A 280 23.86 1.99 8.37
C ALA A 280 25.06 2.22 7.53
N ALA A 281 25.99 1.26 7.41
CA ALA A 281 27.18 1.36 6.53
C ALA A 281 26.78 1.45 5.03
N LEU A 282 25.83 0.64 4.56
CA LEU A 282 25.38 0.70 3.17
C LEU A 282 24.65 1.98 2.81
N ASP A 283 23.94 2.52 3.77
CA ASP A 283 23.24 3.74 3.63
C ASP A 283 24.23 4.91 3.65
N ALA A 284 25.22 4.93 4.58
CA ALA A 284 26.20 6.03 4.63
C ALA A 284 27.13 6.12 3.41
N GLN A 285 27.42 4.98 2.84
CA GLN A 285 28.27 4.87 1.69
C GLN A 285 27.74 5.62 0.46
N LYS A 286 26.41 5.82 0.38
CA LYS A 286 25.76 6.50 -0.74
C LYS A 286 25.79 8.02 -0.60
N ALA A 287 25.77 8.51 0.64
CA ALA A 287 25.76 9.90 0.93
C ALA A 287 27.14 10.56 0.71
N THR A 288 27.14 11.91 0.68
CA THR A 288 28.30 12.75 0.52
C THR A 288 28.50 13.37 1.89
N PRO A 289 29.68 13.15 2.49
CA PRO A 289 29.93 13.77 3.79
C PRO A 289 30.01 15.30 3.70
N PRO A 290 29.78 16.06 4.80
CA PRO A 290 29.81 17.53 4.70
C PRO A 290 31.14 18.16 4.22
N LYS A 291 32.28 17.48 4.42
CA LYS A 291 33.56 18.03 3.96
C LYS A 291 33.71 18.01 2.42
N LEU A 292 32.95 17.10 1.77
CA LEU A 292 32.97 16.81 0.34
C LEU A 292 31.72 17.27 -0.41
N GLU A 293 30.87 18.12 0.23
CA GLU A 293 29.60 18.62 -0.31
C GLU A 293 29.75 19.51 -1.54
N ASP A 294 30.96 20.04 -1.78
CA ASP A 294 31.37 20.92 -2.88
C ASP A 294 31.95 20.14 -4.09
N LYS A 295 32.17 18.82 -3.94
CA LYS A 295 32.77 17.96 -4.96
C LYS A 295 31.76 17.09 -5.72
N SER A 296 32.23 16.39 -6.74
CA SER A 296 31.41 15.53 -7.55
C SER A 296 31.30 14.14 -6.89
N PRO A 297 30.16 13.40 -7.03
CA PRO A 297 30.12 12.03 -6.51
C PRO A 297 31.23 11.16 -7.09
N ASP A 298 31.82 11.53 -8.24
CA ASP A 298 32.91 10.78 -8.85
C ASP A 298 34.32 11.31 -8.61
N SER A 299 34.48 12.25 -7.66
CA SER A 299 35.79 12.80 -7.35
C SER A 299 36.66 11.75 -6.64
N PRO A 300 38.00 11.89 -6.74
CA PRO A 300 38.89 10.95 -6.04
C PRO A 300 38.66 10.83 -4.54
N GLU A 301 38.34 11.95 -3.85
CA GLU A 301 38.02 11.95 -2.40
C GLU A 301 36.73 11.16 -2.18
N MET A 302 35.76 11.27 -3.09
CA MET A 302 34.49 10.55 -2.95
C MET A 302 34.66 9.05 -3.19
N LYS A 303 35.40 8.67 -4.26
CA LYS A 303 35.69 7.26 -4.53
C LYS A 303 36.45 6.58 -3.37
N ASP A 304 37.21 7.34 -2.60
CA ASP A 304 38.01 6.90 -1.46
C ASP A 304 37.15 6.69 -0.21
N PHE A 305 36.17 7.59 0.03
CA PHE A 305 35.16 7.53 1.07
C PHE A 305 34.35 6.23 0.83
N ARG A 306 33.97 5.98 -0.40
CA ARG A 306 33.24 4.80 -0.80
C ARG A 306 34.09 3.54 -0.69
N HIS A 307 35.38 3.66 -0.91
CA HIS A 307 36.34 2.56 -0.83
C HIS A 307 36.50 2.05 0.56
N GLY A 308 36.60 2.97 1.51
CA GLY A 308 36.66 2.67 2.93
C GLY A 308 35.38 1.99 3.35
N PHE A 309 34.23 2.46 2.84
CA PHE A 309 32.98 1.80 3.18
C PHE A 309 32.92 0.40 2.63
N ASP A 310 33.46 0.13 1.46
CA ASP A 310 33.51 -1.21 0.86
C ASP A 310 34.29 -2.19 1.76
N ILE A 311 35.50 -1.77 2.21
CA ILE A 311 36.38 -2.46 3.13
C ILE A 311 35.64 -2.70 4.42
N LEU A 312 34.97 -1.67 4.99
CA LEU A 312 34.25 -1.75 6.25
C LEU A 312 33.10 -2.74 6.17
N VAL A 313 32.33 -2.69 5.09
CA VAL A 313 31.21 -3.61 4.87
C VAL A 313 31.68 -5.09 4.82
N GLY A 314 32.68 -5.41 3.98
CA GLY A 314 33.20 -6.76 3.91
C GLY A 314 33.66 -7.29 5.25
N GLN A 315 34.16 -6.39 6.09
CA GLN A 315 34.65 -6.74 7.41
C GLN A 315 33.51 -7.03 8.36
N ILE A 316 32.45 -6.21 8.30
CA ILE A 316 31.20 -6.43 9.04
C ILE A 316 30.62 -7.82 8.64
N ASP A 317 30.72 -8.19 7.34
CA ASP A 317 30.21 -9.44 6.75
C ASP A 317 31.00 -10.67 7.18
N ASP A 318 32.29 -10.45 7.48
CA ASP A 318 33.21 -11.45 7.96
C ASP A 318 32.86 -11.70 9.39
N ALA A 319 32.66 -10.62 10.20
CA ALA A 319 32.28 -10.67 11.61
C ALA A 319 30.89 -11.30 11.76
N LEU A 320 29.95 -11.02 10.84
CA LEU A 320 28.65 -11.69 10.84
C LEU A 320 28.83 -13.17 10.58
N LYS A 321 29.75 -13.57 9.69
CA LYS A 321 30.03 -14.98 9.40
C LYS A 321 30.50 -15.69 10.68
N LEU A 322 31.41 -15.08 11.43
CA LEU A 322 31.89 -15.62 12.67
C LEU A 322 30.74 -15.84 13.69
N ALA A 323 29.81 -14.87 13.79
CA ALA A 323 28.63 -14.88 14.65
C ALA A 323 27.72 -16.09 14.30
N ASN A 324 27.41 -16.28 13.01
CA ASN A 324 26.59 -17.39 12.54
C ASN A 324 27.28 -18.77 12.62
N GLU A 325 28.58 -18.79 12.80
CA GLU A 325 29.31 -20.05 12.97
C GLU A 325 29.49 -20.41 14.48
N GLY A 326 29.01 -19.54 15.37
CA GLY A 326 29.12 -19.71 16.81
C GLY A 326 30.42 -19.19 17.39
N LYS A 327 31.24 -18.49 16.58
CA LYS A 327 32.53 -17.93 16.98
C LYS A 327 32.29 -16.51 17.50
N VAL A 328 31.67 -16.45 18.66
CA VAL A 328 31.21 -15.25 19.37
C VAL A 328 32.33 -14.33 19.82
N LYS A 329 33.36 -14.91 20.45
CA LYS A 329 34.53 -14.22 20.99
C LYS A 329 35.34 -13.53 19.91
N GLU A 330 35.44 -14.19 18.77
CA GLU A 330 36.12 -13.75 17.58
C GLU A 330 35.35 -12.70 16.85
N ALA A 331 34.01 -12.85 16.67
CA ALA A 331 33.17 -11.83 16.02
C ALA A 331 33.24 -10.54 16.84
N GLN A 332 33.23 -10.65 18.17
CA GLN A 332 33.36 -9.53 19.06
C GLN A 332 34.70 -8.78 18.88
N ALA A 333 35.80 -9.52 18.65
CA ALA A 333 37.16 -8.99 18.40
C ALA A 333 37.26 -8.14 17.13
N ALA A 334 36.26 -8.21 16.23
CA ALA A 334 36.26 -7.42 15.01
C ALA A 334 36.06 -5.97 15.31
N ALA A 335 35.48 -5.58 16.45
CA ALA A 335 35.25 -4.18 16.77
C ALA A 335 36.53 -3.34 16.66
N GLU A 336 37.66 -3.87 17.15
CA GLU A 336 38.92 -3.13 17.05
C GLU A 336 39.33 -2.96 15.60
N GLN A 337 39.07 -3.97 14.76
CA GLN A 337 39.37 -3.97 13.34
C GLN A 337 38.53 -2.97 12.58
N LEU A 338 37.25 -2.89 12.92
CA LEU A 338 36.27 -2.02 12.32
C LEU A 338 36.54 -0.58 12.69
N LYS A 339 37.02 -0.30 13.90
CA LYS A 339 37.37 1.06 14.33
C LYS A 339 38.57 1.55 13.57
N THR A 340 39.54 0.68 13.40
CA THR A 340 40.73 0.94 12.65
C THR A 340 40.41 1.27 11.19
N THR A 341 39.52 0.53 10.53
CA THR A 341 39.18 0.85 9.15
C THR A 341 38.34 2.18 9.06
N ARG A 342 37.46 2.55 10.04
CA ARG A 342 36.81 3.85 9.89
C ARG A 342 37.81 4.99 10.17
N ASN A 343 38.78 4.76 11.08
CA ASN A 343 39.81 5.75 11.32
C ASN A 343 40.71 5.93 10.13
N ALA A 344 41.18 4.82 9.55
CA ALA A 344 42.07 4.90 8.40
C ALA A 344 41.43 5.40 7.12
N TYR A 345 40.13 5.15 6.84
CA TYR A 345 39.59 5.58 5.54
C TYR A 345 38.35 6.45 5.50
N ILE A 346 37.56 6.53 6.58
CA ILE A 346 36.27 7.22 6.51
C ILE A 346 36.20 8.48 7.32
N GLN A 347 36.61 8.42 8.59
CA GLN A 347 36.50 9.50 9.58
C GLN A 347 37.20 10.87 9.15
N LYS A 348 38.25 10.82 8.27
CA LYS A 348 38.90 12.04 7.78
C LYS A 348 37.91 12.92 6.96
N TYR A 349 36.94 12.30 6.29
CA TYR A 349 35.90 12.95 5.49
C TYR A 349 34.68 13.48 6.31
N LEU A 350 34.56 13.01 7.53
CA LEU A 350 33.47 13.39 8.40
C LEU A 350 33.90 14.65 9.18
#